data_8QDJ
#
_entry.id   8QDJ
#
_cell.length_a   38.389
_cell.length_b   71.092
_cell.length_c   50.445
_cell.angle_alpha   90.000
_cell.angle_beta   92.700
_cell.angle_gamma   90.000
#
_symmetry.space_group_name_H-M   'P 1 21 1'
#
loop_
_entity.id
_entity.type
_entity.pdbx_description
1 polymer 'Ntaya virus methyltransferase'
2 non-polymer SINEFUNGIN
3 non-polymer 'SULFATE ION'
4 water water
#
_entity_poly.entity_id   1
_entity_poly.type   'polypeptide(L)'
_entity_poly.pdbx_seq_one_letter_code
;GRMLGEMWKAQLNQLTRQEFMEYRRDGIIEVDRSAARKARREGNVTGGHPVSRGTAKLRWMVERGFVKPHGKVIDLGCGR
GGWSYYCATLKLVQEVKGYTKGGPGHEEPVMMQSYGWNLVSLKSGVDVFYRPSEQSDTLLCDIGEASPVPEIEEARTVKV
LQMVEEWLSRGVEDFCVKILCPYMPKVLKELEKMQLRWGGGLIRVPLSRNSNHEMYWVSGASGNITNSVNTVSQMLINRM
NRTNRNGPKYEEDVHLGSGTR
;
_entity_poly.pdbx_strand_id   A
#
loop_
_chem_comp.id
_chem_comp.type
_chem_comp.name
_chem_comp.formula
SFG non-polymer SINEFUNGIN 'C15 H23 N7 O5'
SO4 non-polymer 'SULFATE ION' 'O4 S -2'
#
# COMPACT_ATOMS: atom_id res chain seq x y z
N GLY A 1 16.96 -19.43 -14.47
CA GLY A 1 17.46 -18.39 -13.58
C GLY A 1 16.35 -17.70 -12.80
N ARG A 2 16.53 -17.56 -11.49
CA ARG A 2 15.52 -17.00 -10.60
C ARG A 2 15.95 -15.62 -10.10
N MET A 3 14.97 -14.77 -9.83
CA MET A 3 15.26 -13.52 -9.13
C MET A 3 15.62 -13.80 -7.67
N LEU A 4 16.47 -12.95 -7.11
CA LEU A 4 16.82 -13.07 -5.70
C LEU A 4 15.57 -13.13 -4.81
N GLY A 5 14.51 -12.42 -5.19
CA GLY A 5 13.30 -12.41 -4.38
C GLY A 5 12.67 -13.78 -4.23
N GLU A 6 12.78 -14.63 -5.26
CA GLU A 6 12.32 -16.01 -5.14
C GLU A 6 13.08 -16.75 -4.06
N MET A 7 14.39 -16.50 -3.95
CA MET A 7 15.19 -17.10 -2.88
C MET A 7 14.74 -16.59 -1.52
N TRP A 8 14.44 -15.29 -1.42
CA TRP A 8 13.93 -14.72 -0.18
C TRP A 8 12.64 -15.40 0.26
N LYS A 9 11.71 -15.57 -0.68
CA LYS A 9 10.42 -16.19 -0.34
C LYS A 9 10.62 -17.63 0.11
N ALA A 10 11.52 -18.37 -0.53
CA ALA A 10 11.79 -19.74 -0.13
C ALA A 10 12.37 -19.79 1.27
N GLN A 11 13.31 -18.91 1.58
CA GLN A 11 13.89 -18.87 2.91
C GLN A 11 12.85 -18.41 3.94
N LEU A 12 12.03 -17.43 3.57
CA LEU A 12 10.95 -17.00 4.47
C LEU A 12 10.05 -18.17 4.84
N ASN A 13 9.67 -18.99 3.86
CA ASN A 13 8.75 -20.08 4.11
C ASN A 13 9.38 -21.20 4.93
N GLN A 14 10.70 -21.24 5.04
CA GLN A 14 11.39 -22.22 5.88
C GLN A 14 11.60 -21.74 7.30
N LEU A 15 11.29 -20.48 7.61
CA LEU A 15 11.44 -20.02 8.98
C LEU A 15 10.42 -20.71 9.88
N THR A 16 10.82 -21.03 11.09
CA THR A 16 9.84 -21.42 12.10
C THR A 16 8.94 -20.23 12.39
N ARG A 17 7.81 -20.51 13.05
CA ARG A 17 6.89 -19.43 13.40
C ARG A 17 7.57 -18.40 14.30
N GLN A 18 8.34 -18.86 15.30
CA GLN A 18 8.97 -17.89 16.19
C GLN A 18 10.08 -17.11 15.49
N GLU A 19 10.81 -17.76 14.59
CA GLU A 19 11.76 -17.02 13.76
C GLU A 19 11.05 -16.00 12.89
N PHE A 20 9.94 -16.40 12.27
CA PHE A 20 9.17 -15.49 11.43
C PHE A 20 8.74 -14.27 12.23
N MET A 21 8.23 -14.48 13.44
CA MET A 21 7.76 -13.36 14.24
C MET A 21 8.91 -12.48 14.75
N GLU A 22 10.08 -13.07 15.02
CA GLU A 22 11.24 -12.25 15.39
C GLU A 22 11.75 -11.44 14.20
N TYR A 23 11.62 -12.00 13.00
CA TYR A 23 12.12 -11.35 11.80
C TYR A 23 11.20 -10.25 11.27
N ARG A 24 9.88 -10.40 11.40
CA ARG A 24 8.98 -9.62 10.55
C ARG A 24 9.06 -8.12 10.81
N ARG A 25 9.38 -7.71 12.04
CA ARG A 25 9.47 -6.28 12.38
C ARG A 25 10.89 -5.85 12.73
N ASP A 26 11.88 -6.66 12.40
CA ASP A 26 13.25 -6.40 12.82
C ASP A 26 13.86 -5.27 12.00
N GLY A 27 14.12 -4.13 12.65
CA GLY A 27 14.73 -3.00 11.96
C GLY A 27 13.81 -2.20 11.06
N ILE A 28 12.51 -2.49 11.04
CA ILE A 28 11.59 -1.71 10.22
C ILE A 28 11.18 -0.46 10.98
N ILE A 29 10.65 0.52 10.26
CA ILE A 29 10.02 1.66 10.93
C ILE A 29 8.58 1.27 11.25
N GLU A 30 8.14 1.58 12.47
CA GLU A 30 6.77 1.28 12.86
C GLU A 30 6.18 2.45 13.62
N VAL A 31 4.99 2.90 13.23
CA VAL A 31 4.33 3.95 13.99
C VAL A 31 3.63 3.34 15.19
N ASP A 32 3.70 4.04 16.31
CA ASP A 32 3.02 3.62 17.53
C ASP A 32 1.53 3.84 17.35
N ARG A 33 0.76 2.74 17.27
CA ARG A 33 -0.67 2.79 17.07
C ARG A 33 -1.47 2.56 18.36
N SER A 34 -0.82 2.59 19.53
CA SER A 34 -1.54 2.26 20.74
C SER A 34 -2.72 3.21 20.97
N ALA A 35 -2.49 4.51 20.81
CA ALA A 35 -3.57 5.47 20.98
C ALA A 35 -4.64 5.30 19.90
N ALA A 36 -4.23 4.95 18.68
CA ALA A 36 -5.22 4.80 17.62
C ALA A 36 -6.09 3.57 17.84
N ARG A 37 -5.50 2.49 18.32
CA ARG A 37 -6.30 1.28 18.55
C ARG A 37 -7.33 1.54 19.63
N LYS A 38 -6.94 2.27 20.67
CA LYS A 38 -7.88 2.68 21.71
C LYS A 38 -8.96 3.59 21.15
N ALA A 39 -8.57 4.52 20.27
CA ALA A 39 -9.54 5.47 19.74
C ALA A 39 -10.63 4.75 18.95
N ARG A 40 -10.26 3.77 18.14
CA ARG A 40 -11.28 3.07 17.35
C ARG A 40 -12.22 2.31 18.26
N ARG A 41 -11.71 1.73 19.35
CA ARG A 41 -12.58 1.04 20.29
C ARG A 41 -13.52 1.98 21.00
N GLU A 42 -13.10 3.22 21.25
CA GLU A 42 -13.90 4.17 21.99
C GLU A 42 -14.77 5.03 21.09
N GLY A 43 -14.77 4.78 19.78
CA GLY A 43 -15.55 5.58 18.88
C GLY A 43 -15.07 7.01 18.77
N ASN A 44 -13.80 7.26 19.05
CA ASN A 44 -13.22 8.60 18.97
C ASN A 44 -12.85 8.86 17.52
N VAL A 45 -13.68 9.66 16.85
CA VAL A 45 -13.50 9.96 15.43
C VAL A 45 -12.94 11.34 15.18
N THR A 46 -12.69 12.14 16.22
CA THR A 46 -12.22 13.51 16.07
C THR A 46 -10.81 13.71 16.58
N GLY A 47 -10.18 12.67 17.12
CA GLY A 47 -8.86 12.78 17.71
C GLY A 47 -7.70 12.76 16.75
N GLY A 48 -7.95 12.68 15.44
CA GLY A 48 -6.87 12.68 14.47
C GLY A 48 -6.17 11.36 14.26
N HIS A 49 -6.63 10.29 14.90
CA HIS A 49 -5.97 8.99 14.79
C HIS A 49 -6.35 8.31 13.48
N PRO A 50 -5.38 7.88 12.66
CA PRO A 50 -5.72 7.15 11.43
C PRO A 50 -6.42 5.84 11.73
N VAL A 51 -7.31 5.43 10.81
CA VAL A 51 -8.04 4.18 10.99
C VAL A 51 -7.18 2.94 10.78
N SER A 52 -5.99 3.09 10.22
CA SER A 52 -5.15 1.93 9.89
C SER A 52 -3.68 2.36 9.82
N ARG A 53 -2.82 1.36 9.68
CA ARG A 53 -1.41 1.61 9.40
C ARG A 53 -1.17 2.12 8.00
N GLY A 54 -2.15 1.98 7.10
CA GLY A 54 -1.98 2.42 5.74
C GLY A 54 -1.73 3.91 5.62
N THR A 55 -2.31 4.71 6.51
CA THR A 55 -2.14 6.15 6.43
C THR A 55 -0.67 6.53 6.48
N ALA A 56 0.09 5.96 7.43
CA ALA A 56 1.49 6.31 7.57
C ALA A 56 2.30 5.88 6.35
N LYS A 57 1.94 4.76 5.74
CA LYS A 57 2.64 4.34 4.53
C LYS A 57 2.45 5.33 3.39
N LEU A 58 1.20 5.77 3.16
CA LEU A 58 0.98 6.72 2.08
C LEU A 58 1.60 8.07 2.40
N ARG A 59 1.55 8.49 3.67
CA ARG A 59 2.17 9.74 4.07
C ARG A 59 3.66 9.73 3.75
N TRP A 60 4.32 8.59 3.99
CA TRP A 60 5.74 8.49 3.70
C TRP A 60 6.01 8.74 2.23
N MET A 61 5.16 8.19 1.34
CA MET A 61 5.38 8.39 -0.09
C MET A 61 5.02 9.80 -0.52
N VAL A 62 3.92 10.35 0.02
CA VAL A 62 3.51 11.69 -0.39
C VAL A 62 4.53 12.72 0.05
N GLU A 63 5.04 12.60 1.27
CA GLU A 63 5.96 13.64 1.73
C GLU A 63 7.28 13.62 0.96
N ARG A 64 7.62 12.51 0.30
CA ARG A 64 8.83 12.44 -0.49
C ARG A 64 8.56 12.69 -1.98
N GLY A 65 7.33 13.08 -2.33
CA GLY A 65 7.02 13.43 -3.70
C GLY A 65 6.85 12.26 -4.64
N PHE A 66 6.77 11.03 -4.11
CA PHE A 66 6.58 9.88 -4.99
C PHE A 66 5.19 9.85 -5.58
N VAL A 67 4.20 10.45 -4.92
CA VAL A 67 2.87 10.64 -5.49
C VAL A 67 2.32 11.95 -4.94
N LYS A 68 1.59 12.68 -5.76
CA LYS A 68 1.08 14.01 -5.41
C LYS A 68 -0.44 13.99 -5.57
N PRO A 69 -1.16 13.50 -4.57
CA PRO A 69 -2.62 13.43 -4.70
C PRO A 69 -3.21 14.81 -4.89
N HIS A 70 -4.18 14.91 -5.79
CA HIS A 70 -4.82 16.18 -6.15
C HIS A 70 -6.10 15.88 -6.91
N GLY A 71 -6.97 16.90 -7.00
CA GLY A 71 -8.21 16.78 -7.74
C GLY A 71 -9.10 15.67 -7.19
N LYS A 72 -9.64 14.87 -8.11
CA LYS A 72 -10.47 13.73 -7.72
C LYS A 72 -9.59 12.51 -7.49
N VAL A 73 -9.66 11.94 -6.29
CA VAL A 73 -8.85 10.78 -5.90
C VAL A 73 -9.76 9.55 -5.86
N ILE A 74 -9.34 8.47 -6.52
CA ILE A 74 -10.05 7.21 -6.44
C ILE A 74 -9.14 6.22 -5.72
N ASP A 75 -9.69 5.54 -4.72
CA ASP A 75 -8.93 4.66 -3.84
C ASP A 75 -9.51 3.26 -4.02
N LEU A 76 -8.86 2.44 -4.85
CA LEU A 76 -9.33 1.09 -5.10
C LEU A 76 -8.86 0.15 -4.00
N GLY A 77 -9.81 -0.57 -3.40
CA GLY A 77 -9.53 -1.38 -2.21
C GLY A 77 -9.24 -0.48 -1.00
N CYS A 78 -10.23 0.31 -0.59
CA CYS A 78 -9.93 1.31 0.43
C CYS A 78 -9.93 0.75 1.84
N GLY A 79 -10.48 -0.45 2.06
CA GLY A 79 -10.51 -1.01 3.40
C GLY A 79 -11.23 -0.09 4.38
N ARG A 80 -10.63 0.10 5.55
CA ARG A 80 -11.19 1.01 6.54
C ARG A 80 -11.16 2.46 6.07
N GLY A 81 -10.20 2.81 5.19
CA GLY A 81 -10.15 4.15 4.60
C GLY A 81 -8.90 4.95 4.89
N GLY A 82 -7.82 4.30 5.35
CA GLY A 82 -6.64 5.04 5.77
C GLY A 82 -6.08 5.93 4.69
N TRP A 83 -5.96 5.41 3.46
CA TRP A 83 -5.44 6.24 2.38
C TRP A 83 -6.43 7.34 1.99
N SER A 84 -7.71 7.01 1.98
CA SER A 84 -8.72 7.99 1.56
C SER A 84 -8.78 9.16 2.51
N TYR A 85 -8.82 8.88 3.82
CA TYR A 85 -8.89 9.97 4.80
C TYR A 85 -7.62 10.80 4.79
N TYR A 86 -6.47 10.17 4.56
CA TYR A 86 -5.23 10.94 4.46
C TYR A 86 -5.28 11.92 3.29
N CYS A 87 -5.69 11.45 2.12
CA CYS A 87 -5.71 12.32 0.94
C CYS A 87 -6.62 13.51 1.14
N ALA A 88 -7.75 13.30 1.82
CA ALA A 88 -8.69 14.39 2.08
C ALA A 88 -8.09 15.49 2.94
N THR A 89 -6.99 15.23 3.66
CA THR A 89 -6.37 16.31 4.42
C THR A 89 -5.50 17.21 3.56
N LEU A 90 -5.23 16.82 2.31
CA LEU A 90 -4.24 17.49 1.49
C LEU A 90 -4.86 18.64 0.69
N LYS A 91 -4.15 19.76 0.64
CA LYS A 91 -4.72 21.00 0.11
C LYS A 91 -5.20 20.83 -1.33
N LEU A 92 -4.44 20.13 -2.17
CA LEU A 92 -4.79 20.02 -3.58
C LEU A 92 -5.89 19.02 -3.86
N VAL A 93 -6.31 18.23 -2.87
CA VAL A 93 -7.34 17.22 -3.06
C VAL A 93 -8.70 17.86 -2.90
N GLN A 94 -9.64 17.50 -3.77
CA GLN A 94 -10.99 18.07 -3.75
C GLN A 94 -12.08 17.06 -3.51
N GLU A 95 -11.84 15.78 -3.79
CA GLU A 95 -12.86 14.76 -3.66
C GLU A 95 -12.14 13.42 -3.59
N VAL A 96 -12.59 12.57 -2.68
CA VAL A 96 -12.05 11.21 -2.55
C VAL A 96 -13.19 10.20 -2.65
N LYS A 97 -13.04 9.24 -3.55
CA LYS A 97 -13.96 8.11 -3.69
C LYS A 97 -13.19 6.83 -3.41
N GLY A 98 -13.62 6.08 -2.39
CA GLY A 98 -13.00 4.81 -2.05
C GLY A 98 -13.95 3.65 -2.27
N TYR A 99 -13.43 2.53 -2.75
CA TYR A 99 -14.23 1.32 -3.01
C TYR A 99 -13.56 0.14 -2.33
N THR A 100 -14.34 -0.70 -1.67
CA THR A 100 -13.75 -1.87 -1.03
C THR A 100 -14.79 -2.98 -0.96
N LYS A 101 -14.30 -4.23 -0.91
CA LYS A 101 -15.20 -5.38 -1.00
C LYS A 101 -16.01 -5.57 0.28
N GLY A 102 -15.36 -5.53 1.44
CA GLY A 102 -16.09 -5.73 2.68
C GLY A 102 -16.57 -7.17 2.83
N GLY A 103 -17.51 -7.35 3.76
CA GLY A 103 -18.07 -8.67 4.01
C GLY A 103 -17.13 -9.55 4.83
N PRO A 104 -17.48 -10.83 4.95
CA PRO A 104 -16.71 -11.72 5.83
C PRO A 104 -15.23 -11.72 5.48
N GLY A 105 -14.39 -11.55 6.50
CA GLY A 105 -12.96 -11.60 6.34
C GLY A 105 -12.32 -10.37 5.75
N HIS A 106 -13.09 -9.30 5.51
CA HIS A 106 -12.56 -8.11 4.85
C HIS A 106 -12.95 -6.85 5.61
N GLU A 107 -12.04 -5.88 5.64
CA GLU A 107 -12.26 -4.65 6.39
C GLU A 107 -13.42 -3.87 5.78
N GLU A 108 -14.27 -3.29 6.68
CA GLU A 108 -15.34 -2.38 6.30
C GLU A 108 -14.87 -0.94 6.46
N PRO A 109 -15.39 -0.02 5.63
CA PRO A 109 -15.07 1.40 5.84
C PRO A 109 -15.46 1.84 7.23
N VAL A 110 -14.64 2.72 7.79
CA VAL A 110 -14.86 3.33 9.09
C VAL A 110 -15.21 4.78 8.84
N MET A 111 -16.28 5.26 9.49
CA MET A 111 -16.69 6.65 9.35
C MET A 111 -15.91 7.48 10.34
N MET A 112 -15.16 8.46 9.83
CA MET A 112 -14.28 9.28 10.65
C MET A 112 -14.58 10.75 10.45
N GLN A 113 -14.09 11.58 11.38
CA GLN A 113 -14.17 13.02 11.22
C GLN A 113 -12.79 13.67 11.25
N SER A 114 -11.84 13.04 10.58
CA SER A 114 -10.56 13.67 10.31
C SER A 114 -10.76 14.88 9.39
N TYR A 115 -9.75 15.75 9.35
CA TYR A 115 -9.86 16.97 8.56
C TYR A 115 -10.16 16.64 7.10
N GLY A 116 -11.23 17.25 6.58
CA GLY A 116 -11.66 16.98 5.23
C GLY A 116 -12.53 15.77 5.05
N TRP A 117 -13.01 15.16 6.15
CA TRP A 117 -13.78 13.92 6.08
C TRP A 117 -14.99 14.07 5.16
N ASN A 118 -15.57 15.26 5.06
CA ASN A 118 -16.74 15.46 4.22
C ASN A 118 -16.43 15.36 2.73
N LEU A 119 -15.16 15.39 2.36
CA LEU A 119 -14.78 15.14 0.97
C LEU A 119 -14.71 13.67 0.62
N VAL A 120 -14.91 12.76 1.58
CA VAL A 120 -14.66 11.33 1.38
C VAL A 120 -15.97 10.57 1.30
N SER A 121 -16.11 9.75 0.26
CA SER A 121 -17.24 8.84 0.11
C SER A 121 -16.70 7.43 -0.08
N LEU A 122 -16.87 6.58 0.93
CA LEU A 122 -16.42 5.20 0.89
C LEU A 122 -17.61 4.27 0.65
N LYS A 123 -17.44 3.31 -0.24
CA LYS A 123 -18.53 2.40 -0.59
C LYS A 123 -18.04 0.97 -0.41
N SER A 124 -18.73 0.21 0.44
CA SER A 124 -18.42 -1.20 0.64
C SER A 124 -19.26 -2.06 -0.31
N GLY A 125 -18.99 -3.37 -0.31
CA GLY A 125 -19.73 -4.27 -1.18
C GLY A 125 -19.38 -4.12 -2.64
N VAL A 126 -18.19 -3.61 -2.94
CA VAL A 126 -17.76 -3.37 -4.30
C VAL A 126 -16.55 -4.26 -4.59
N ASP A 127 -16.68 -5.13 -5.58
CA ASP A 127 -15.53 -5.87 -6.11
C ASP A 127 -14.96 -5.06 -7.26
N VAL A 128 -13.80 -4.42 -7.02
CA VAL A 128 -13.28 -3.50 -8.02
C VAL A 128 -12.88 -4.21 -9.31
N PHE A 129 -12.64 -5.53 -9.27
CA PHE A 129 -12.22 -6.23 -10.48
C PHE A 129 -13.33 -6.28 -11.52
N TYR A 130 -14.58 -6.12 -11.10
CA TYR A 130 -15.72 -6.09 -12.00
C TYR A 130 -16.43 -4.73 -11.97
N ARG A 131 -15.73 -3.66 -11.52
CA ARG A 131 -16.39 -2.35 -11.55
C ARG A 131 -15.96 -1.57 -12.78
N PRO A 132 -16.88 -0.95 -13.52
CA PRO A 132 -16.47 -0.12 -14.66
C PRO A 132 -15.55 1.01 -14.20
N SER A 133 -14.56 1.30 -15.04
CA SER A 133 -13.61 2.37 -14.72
C SER A 133 -14.31 3.72 -14.68
N GLU A 134 -13.70 4.64 -13.96
CA GLU A 134 -14.18 6.01 -13.80
C GLU A 134 -13.02 6.97 -14.02
N GLN A 135 -13.35 8.21 -14.37
CA GLN A 135 -12.33 9.23 -14.51
C GLN A 135 -11.79 9.64 -13.14
N SER A 136 -10.48 9.89 -13.09
CA SER A 136 -9.85 10.37 -11.85
C SER A 136 -8.59 11.14 -12.17
N ASP A 137 -8.18 11.96 -11.21
CA ASP A 137 -6.91 12.67 -11.30
C ASP A 137 -5.80 11.92 -10.60
N THR A 138 -6.12 11.30 -9.47
CA THR A 138 -5.19 10.49 -8.69
C THR A 138 -5.80 9.12 -8.53
N LEU A 139 -5.05 8.08 -8.92
CA LEU A 139 -5.51 6.71 -8.79
C LEU A 139 -4.65 5.98 -7.77
N LEU A 140 -5.29 5.43 -6.74
CA LEU A 140 -4.62 4.68 -5.69
C LEU A 140 -5.15 3.26 -5.67
N CYS A 141 -4.27 2.29 -5.41
CA CYS A 141 -4.74 0.92 -5.23
C CYS A 141 -3.79 0.21 -4.28
N ASP A 142 -4.35 -0.37 -3.22
CA ASP A 142 -3.56 -0.98 -2.15
C ASP A 142 -3.97 -2.44 -1.96
N ILE A 143 -4.44 -3.05 -3.04
CA ILE A 143 -4.93 -4.43 -3.02
C ILE A 143 -3.79 -5.41 -3.26
N GLY A 144 -3.86 -6.50 -2.51
CA GLY A 144 -3.11 -7.72 -2.78
C GLY A 144 -2.87 -8.48 -1.49
N GLU A 145 -3.34 -9.72 -1.50
CA GLU A 145 -3.43 -10.55 -0.30
C GLU A 145 -2.31 -11.57 -0.32
N ALA A 146 -1.58 -11.67 0.79
CA ALA A 146 -0.40 -12.52 0.84
C ALA A 146 -0.78 -13.99 0.77
N SER A 147 0.15 -14.79 0.26
CA SER A 147 0.05 -16.24 0.25
C SER A 147 1.45 -16.81 0.40
N PRO A 148 1.61 -17.97 1.05
CA PRO A 148 2.92 -18.64 1.03
C PRO A 148 3.32 -19.12 -0.36
N VAL A 149 2.38 -19.22 -1.29
CA VAL A 149 2.65 -19.76 -2.62
C VAL A 149 2.99 -18.57 -3.53
N PRO A 150 4.25 -18.44 -3.98
CA PRO A 150 4.59 -17.27 -4.79
C PRO A 150 3.80 -17.17 -6.07
N GLU A 151 3.45 -18.31 -6.70
CA GLU A 151 2.63 -18.24 -7.91
C GLU A 151 1.24 -17.66 -7.66
N ILE A 152 0.68 -17.88 -6.46
CA ILE A 152 -0.61 -17.28 -6.14
C ILE A 152 -0.47 -15.78 -5.94
N GLU A 153 0.60 -15.35 -5.27
CA GLU A 153 0.83 -13.92 -5.12
C GLU A 153 1.09 -13.28 -6.48
N GLU A 154 1.83 -13.98 -7.33
CA GLU A 154 2.09 -13.50 -8.69
C GLU A 154 0.79 -13.26 -9.45
N ALA A 155 -0.10 -14.25 -9.45
CA ALA A 155 -1.36 -14.11 -10.19
C ALA A 155 -2.20 -12.96 -9.62
N ARG A 156 -2.25 -12.86 -8.29
CA ARG A 156 -3.04 -11.80 -7.68
C ARG A 156 -2.50 -10.42 -8.04
N THR A 157 -1.17 -10.30 -8.15
CA THR A 157 -0.58 -9.02 -8.52
C THR A 157 -0.86 -8.68 -9.98
N VAL A 158 -0.81 -9.70 -10.85
CA VAL A 158 -1.11 -9.47 -12.26
C VAL A 158 -2.54 -8.99 -12.44
N LYS A 159 -3.47 -9.58 -11.68
CA LYS A 159 -4.87 -9.15 -11.79
C LYS A 159 -5.04 -7.70 -11.39
N VAL A 160 -4.32 -7.26 -10.34
CA VAL A 160 -4.36 -5.85 -9.94
C VAL A 160 -3.86 -4.98 -11.08
N LEU A 161 -2.72 -5.35 -11.69
CA LEU A 161 -2.16 -4.53 -12.76
C LEU A 161 -3.10 -4.46 -13.95
N GLN A 162 -3.75 -5.57 -14.28
CA GLN A 162 -4.68 -5.57 -15.41
C GLN A 162 -5.88 -4.68 -15.15
N MET A 163 -6.37 -4.64 -13.91
CA MET A 163 -7.44 -3.71 -13.57
C MET A 163 -6.97 -2.27 -13.63
N VAL A 164 -5.79 -1.99 -13.06
CA VAL A 164 -5.26 -0.63 -13.03
C VAL A 164 -5.08 -0.09 -14.44
N GLU A 165 -4.66 -0.96 -15.36
CA GLU A 165 -4.49 -0.56 -16.76
C GLU A 165 -5.75 0.10 -17.30
N GLU A 166 -6.93 -0.47 -17.02
CA GLU A 166 -8.18 0.11 -17.50
C GLU A 166 -8.44 1.48 -16.88
N TRP A 167 -8.15 1.64 -15.58
CA TRP A 167 -8.39 2.92 -14.92
C TRP A 167 -7.38 3.98 -15.33
N LEU A 168 -6.13 3.58 -15.57
CA LEU A 168 -5.12 4.55 -16.02
C LEU A 168 -5.44 5.07 -17.41
N SER A 169 -6.10 4.26 -18.24
CA SER A 169 -6.39 4.64 -19.62
C SER A 169 -7.47 5.71 -19.71
N ARG A 170 -8.17 6.00 -18.61
CA ARG A 170 -9.09 7.13 -18.61
C ARG A 170 -8.35 8.46 -18.59
N GLY A 171 -7.06 8.45 -18.24
CA GLY A 171 -6.23 9.63 -18.16
C GLY A 171 -6.03 10.06 -16.72
N VAL A 172 -4.93 9.59 -16.14
CA VAL A 172 -4.65 9.74 -14.72
C VAL A 172 -3.33 10.48 -14.61
N GLU A 173 -3.27 11.48 -13.73
CA GLU A 173 -2.05 12.26 -13.61
C GLU A 173 -1.07 11.69 -12.58
N ASP A 174 -1.59 11.23 -11.45
CA ASP A 174 -0.78 10.68 -10.37
C ASP A 174 -1.30 9.31 -9.96
N PHE A 175 -0.40 8.38 -9.62
CA PHE A 175 -0.87 7.07 -9.20
C PHE A 175 0.09 6.45 -8.18
N CYS A 176 -0.46 5.50 -7.43
CA CYS A 176 0.28 4.77 -6.40
C CYS A 176 -0.40 3.42 -6.28
N VAL A 177 0.28 2.36 -6.72
CA VAL A 177 -0.31 1.03 -6.86
C VAL A 177 0.56 0.01 -6.13
N LYS A 178 -0.07 -0.73 -5.21
CA LYS A 178 0.64 -1.78 -4.50
C LYS A 178 1.02 -2.91 -5.45
N ILE A 179 2.28 -3.31 -5.43
CA ILE A 179 2.76 -4.47 -6.14
C ILE A 179 3.12 -5.51 -5.08
N LEU A 180 2.20 -6.44 -4.83
CA LEU A 180 2.36 -7.37 -3.73
C LEU A 180 3.60 -8.24 -3.92
N CYS A 181 3.81 -8.74 -5.13
CA CYS A 181 4.84 -9.73 -5.44
C CYS A 181 5.67 -9.26 -6.63
N PRO A 182 6.63 -8.37 -6.41
CA PRO A 182 7.33 -7.75 -7.54
C PRO A 182 8.44 -8.60 -8.16
N TYR A 183 8.79 -9.75 -7.59
CA TYR A 183 9.94 -10.53 -8.02
C TYR A 183 9.59 -11.71 -8.92
N MET A 184 8.26 -12.01 -9.13
CA MET A 184 7.92 -13.15 -9.95
C MET A 184 7.78 -12.77 -11.43
N PRO A 185 8.08 -13.71 -12.33
CA PRO A 185 8.24 -13.36 -13.76
C PRO A 185 7.03 -12.70 -14.41
N LYS A 186 5.81 -13.18 -14.11
CA LYS A 186 4.64 -12.61 -14.76
C LYS A 186 4.38 -11.17 -14.31
N VAL A 187 4.74 -10.87 -13.06
CA VAL A 187 4.60 -9.49 -12.57
C VAL A 187 5.63 -8.59 -13.23
N LEU A 188 6.88 -9.05 -13.28
CA LEU A 188 7.93 -8.24 -13.89
C LEU A 188 7.61 -7.96 -15.35
N LYS A 189 7.13 -8.97 -16.09
CA LYS A 189 6.81 -8.78 -17.50
C LYS A 189 5.70 -7.75 -17.67
N GLU A 190 4.65 -7.86 -16.87
CA GLU A 190 3.54 -6.93 -16.98
C GLU A 190 3.94 -5.52 -16.57
N LEU A 191 4.72 -5.40 -15.50
CA LEU A 191 5.06 -4.09 -14.97
C LEU A 191 5.99 -3.33 -15.90
N GLU A 192 6.96 -4.02 -16.52
CA GLU A 192 7.84 -3.35 -17.47
C GLU A 192 7.06 -2.77 -18.64
N LYS A 193 6.04 -3.50 -19.11
CA LYS A 193 5.21 -2.98 -20.19
C LYS A 193 4.42 -1.76 -19.73
N MET A 194 3.89 -1.80 -18.52
CA MET A 194 3.08 -0.68 -18.03
C MET A 194 3.94 0.51 -17.64
N GLN A 195 5.16 0.28 -17.15
CA GLN A 195 6.07 1.40 -16.93
C GLN A 195 6.45 2.07 -18.24
N LEU A 196 6.64 1.28 -19.30
CA LEU A 196 6.97 1.87 -20.59
C LEU A 196 5.87 2.79 -21.07
N ARG A 197 4.61 2.40 -20.83
CA ARG A 197 3.49 3.20 -21.31
C ARG A 197 3.20 4.38 -20.39
N TRP A 198 3.10 4.11 -19.08
CA TRP A 198 2.57 5.08 -18.12
C TRP A 198 3.63 5.75 -17.27
N GLY A 199 4.85 5.25 -17.28
CA GLY A 199 5.91 5.87 -16.51
C GLY A 199 5.97 5.32 -15.10
N GLY A 200 6.56 6.11 -14.21
CA GLY A 200 6.66 5.74 -12.82
C GLY A 200 7.82 4.80 -12.51
N GLY A 201 7.86 4.38 -11.24
CA GLY A 201 8.91 3.49 -10.79
C GLY A 201 8.46 2.81 -9.52
N LEU A 202 9.23 1.80 -9.12
CA LEU A 202 8.92 1.01 -7.93
C LEU A 202 9.71 1.53 -6.74
N ILE A 203 9.06 1.64 -5.59
CA ILE A 203 9.72 2.05 -4.35
C ILE A 203 9.34 1.09 -3.23
N ARG A 204 10.23 0.99 -2.24
CA ARG A 204 10.02 0.22 -1.02
C ARG A 204 9.78 1.20 0.11
N VAL A 205 8.66 1.05 0.81
CA VAL A 205 8.34 1.90 1.96
C VAL A 205 8.88 1.21 3.20
N PRO A 206 9.69 1.90 4.02
CA PRO A 206 10.37 1.20 5.14
C PRO A 206 9.45 0.84 6.28
N LEU A 207 8.19 1.24 6.24
CA LEU A 207 7.18 0.79 7.18
C LEU A 207 6.63 -0.58 6.80
N SER A 208 6.97 -1.09 5.62
CA SER A 208 6.55 -2.43 5.27
C SER A 208 7.30 -3.47 6.11
N ARG A 209 6.62 -4.55 6.47
CA ARG A 209 7.28 -5.57 7.27
C ARG A 209 8.25 -6.40 6.43
N ASN A 210 9.30 -6.92 7.10
CA ASN A 210 10.27 -7.77 6.40
C ASN A 210 9.63 -9.04 5.88
N SER A 211 8.47 -9.42 6.40
CA SER A 211 7.77 -10.64 6.01
C SER A 211 7.05 -10.49 4.68
N ASN A 212 7.07 -9.32 4.07
CA ASN A 212 6.51 -9.21 2.74
C ASN A 212 7.37 -8.32 1.88
N HIS A 213 7.31 -8.56 0.57
CA HIS A 213 8.16 -7.92 -0.41
C HIS A 213 7.41 -6.82 -1.16
N GLU A 214 6.29 -6.34 -0.61
CA GLU A 214 5.47 -5.36 -1.32
C GLU A 214 6.30 -4.12 -1.68
N MET A 215 6.10 -3.64 -2.90
CA MET A 215 6.62 -2.37 -3.33
C MET A 215 5.47 -1.61 -3.97
N TYR A 216 5.66 -0.30 -4.14
CA TYR A 216 4.61 0.53 -4.69
C TYR A 216 5.08 1.14 -6.00
N TRP A 217 4.25 0.99 -7.03
CA TRP A 217 4.49 1.58 -8.33
C TRP A 217 3.88 2.98 -8.28
N VAL A 218 4.73 4.00 -8.31
CA VAL A 218 4.29 5.37 -8.05
C VAL A 218 4.70 6.23 -9.23
N SER A 219 3.85 7.21 -9.57
CA SER A 219 4.12 8.04 -10.74
C SER A 219 5.33 8.95 -10.54
N GLY A 220 5.71 9.22 -9.29
CA GLY A 220 6.78 10.14 -9.02
C GLY A 220 8.16 9.55 -8.90
N ALA A 221 8.35 8.29 -9.30
CA ALA A 221 9.66 7.62 -9.31
C ALA A 221 10.00 7.21 -10.73
N SER A 222 11.23 6.75 -10.96
CA SER A 222 11.58 6.36 -12.33
C SER A 222 12.58 5.20 -12.48
N GLY A 223 13.00 4.51 -11.43
CA GLY A 223 14.14 3.60 -11.58
C GLY A 223 13.89 2.38 -12.47
N ASN A 224 14.99 1.75 -12.85
CA ASN A 224 14.91 0.43 -13.49
C ASN A 224 14.26 -0.58 -12.54
N ILE A 225 13.24 -1.30 -13.03
CA ILE A 225 12.41 -2.15 -12.17
C ILE A 225 13.20 -3.34 -11.64
N THR A 226 13.91 -4.05 -12.52
CA THR A 226 14.71 -5.19 -12.09
C THR A 226 15.67 -4.82 -10.97
N ASN A 227 16.42 -3.71 -11.15
CA ASN A 227 17.38 -3.27 -10.15
C ASN A 227 16.67 -2.89 -8.85
N SER A 228 15.54 -2.20 -8.95
CA SER A 228 14.80 -1.80 -7.75
C SER A 228 14.38 -3.01 -6.93
N VAL A 229 13.86 -4.05 -7.60
CA VAL A 229 13.39 -5.23 -6.88
C VAL A 229 14.55 -5.98 -6.26
N ASN A 230 15.64 -6.16 -7.02
CA ASN A 230 16.80 -6.87 -6.49
C ASN A 230 17.36 -6.17 -5.26
N THR A 231 17.35 -4.84 -5.25
CA THR A 231 17.88 -4.10 -4.10
C THR A 231 17.09 -4.45 -2.85
N VAL A 232 15.76 -4.51 -2.98
CA VAL A 232 14.91 -4.88 -1.85
C VAL A 232 15.15 -6.33 -1.44
N SER A 233 15.25 -7.25 -2.40
CA SER A 233 15.46 -8.65 -2.06
C SER A 233 16.75 -8.82 -1.27
N GLN A 234 17.83 -8.17 -1.70
CA GLN A 234 19.09 -8.30 -0.98
C GLN A 234 18.97 -7.76 0.44
N MET A 235 18.33 -6.61 0.60
CA MET A 235 18.12 -6.04 1.92
C MET A 235 17.33 -6.98 2.82
N LEU A 236 16.25 -7.56 2.29
CA LEU A 236 15.42 -8.44 3.12
C LEU A 236 16.16 -9.72 3.48
N ILE A 237 16.93 -10.26 2.53
CA ILE A 237 17.70 -11.46 2.85
C ILE A 237 18.81 -11.14 3.86
N ASN A 238 19.46 -9.98 3.70
CA ASN A 238 20.48 -9.58 4.67
C ASN A 238 19.90 -9.49 6.07
N ARG A 239 18.70 -8.90 6.19
CA ARG A 239 18.04 -8.85 7.50
C ARG A 239 17.69 -10.23 8.01
N MET A 240 17.29 -11.15 7.12
CA MET A 240 16.91 -12.48 7.59
C MET A 240 18.09 -13.22 8.18
N ASN A 241 19.29 -12.98 7.64
CA ASN A 241 20.49 -13.71 8.04
C ASN A 241 21.28 -13.02 9.16
N ARG A 242 20.83 -11.86 9.63
CA ARG A 242 21.43 -11.16 10.77
C ARG A 242 20.54 -11.42 11.98
N THR A 243 20.96 -12.38 12.81
CA THR A 243 20.08 -12.99 13.80
C THR A 243 20.13 -12.34 15.18
N ASN A 244 20.86 -11.23 15.34
CA ASN A 244 20.75 -10.42 16.55
C ASN A 244 19.69 -9.36 16.28
N ARG A 245 18.46 -9.65 16.68
CA ARG A 245 17.31 -8.85 16.31
C ARG A 245 17.05 -7.75 17.32
N ASN A 246 16.42 -6.68 16.85
CA ASN A 246 16.19 -5.50 17.68
C ASN A 246 14.76 -5.02 17.68
N GLY A 247 13.89 -5.61 16.86
CA GLY A 247 12.56 -5.09 16.76
C GLY A 247 12.56 -3.81 15.96
N PRO A 248 11.42 -3.14 15.92
CA PRO A 248 11.28 -2.00 15.02
C PRO A 248 11.87 -0.72 15.58
N LYS A 249 12.06 0.24 14.68
CA LYS A 249 12.35 1.61 15.04
C LYS A 249 11.02 2.35 15.16
N TYR A 250 10.76 2.94 16.31
CA TYR A 250 9.44 3.52 16.57
C TYR A 250 9.41 4.99 16.16
N GLU A 251 8.31 5.36 15.52
CA GLU A 251 8.06 6.74 15.15
C GLU A 251 6.60 7.04 15.48
N GLU A 252 6.23 8.30 15.30
CA GLU A 252 4.90 8.77 15.64
C GLU A 252 3.97 8.61 14.44
N ASP A 253 2.74 8.20 14.69
CA ASP A 253 1.73 8.06 13.65
C ASP A 253 1.31 9.45 13.13
N VAL A 254 0.65 9.43 11.98
CA VAL A 254 0.13 10.66 11.38
C VAL A 254 -0.98 11.23 12.25
N HIS A 255 -1.02 12.55 12.36
CA HIS A 255 -2.16 13.25 12.97
C HIS A 255 -3.04 13.84 11.87
N LEU A 256 -4.30 13.42 11.80
CA LEU A 256 -5.20 13.82 10.73
C LEU A 256 -6.18 14.92 11.13
N GLY A 257 -6.11 15.41 12.37
CA GLY A 257 -6.94 16.54 12.77
C GLY A 257 -8.41 16.23 12.75
N SER A 258 -9.23 17.28 12.60
CA SER A 258 -10.67 17.12 12.53
C SER A 258 -11.25 18.34 11.80
N GLY A 259 -12.54 18.29 11.53
CA GLY A 259 -13.22 19.41 10.91
C GLY A 259 -13.47 19.17 9.42
N THR A 260 -14.45 19.90 8.89
CA THR A 260 -14.81 19.82 7.48
C THR A 260 -13.93 20.77 6.66
N ARG A 261 -13.92 20.54 5.35
CA ARG A 261 -13.24 21.45 4.43
C ARG A 261 -14.26 22.11 3.50
N SFG B . -4.96 1.45 2.03
CA SFG B . -5.96 0.94 3.01
C SFG B . -5.79 1.66 4.34
O SFG B . -4.93 2.56 4.40
OXT SFG B . -6.53 1.30 5.29
CB SFG B . -5.83 -0.58 3.17
CG SFG B . -6.17 -1.34 1.89
CD SFG B . -5.92 -2.85 1.99
NE SFG B . -4.45 -3.11 2.00
C5' SFG B . -6.56 -3.56 0.79
C4' SFG B . -8.07 -3.68 0.87
O4' SFG B . -8.60 -4.08 -0.41
C3' SFG B . -8.60 -4.69 1.90
O3' SFG B . -9.43 -4.07 2.87
C2' SFG B . -9.38 -5.71 1.05
O2' SFG B . -10.57 -6.12 1.70
C1' SFG B . -9.72 -4.90 -0.18
N9 SFG B . -9.97 -5.69 -1.38
C8 SFG B . -9.39 -6.88 -1.73
N7 SFG B . -9.84 -7.39 -2.85
C5 SFG B . -10.79 -6.47 -3.27
C6 SFG B . -11.63 -6.42 -4.38
N6 SFG B . -11.64 -7.39 -5.30
N1 SFG B . -12.46 -5.36 -4.53
C2 SFG B . -12.44 -4.41 -3.58
N3 SFG B . -11.69 -4.35 -2.48
C4 SFG B . -10.88 -5.42 -2.38
S SO4 C . -4.34 -1.37 13.70
O1 SO4 C . -4.62 -2.19 14.87
O2 SO4 C . -3.05 -0.67 13.86
O3 SO4 C . -4.31 -2.24 12.52
O4 SO4 C . -5.38 -0.38 13.53
#